data_7OAX
#
_entry.id   7OAX
#
_cell.length_a   59.324
_cell.length_b   100.352
_cell.length_c   113.294
_cell.angle_alpha   90.000
_cell.angle_beta   90.000
_cell.angle_gamma   90.000
#
_symmetry.space_group_name_H-M   'P 21 21 21'
#
loop_
_entity.id
_entity.type
_entity.pdbx_description
1 polymer 'Chili RNA Aptamer'
2 non-polymer "GUANOSINE-5'-TRIPHOSPHATE"
3 non-polymer DMHBO+
4 non-polymer SPERMINE
5 non-polymer GLYCEROL
6 non-polymer 'CHLORIDE ION'
7 non-polymer 'POTASSIUM ION'
8 non-polymer 'MAGNESIUM ION'
9 water water
#
_entity_poly.entity_id   1
_entity_poly.type   'polyribonucleotide'
_entity_poly.pdbx_seq_one_letter_code
;GGCUAGCUGGAGGGGCGCCAGUUCGCUGGUGGUUGGGUGCGGUCGGCUAGCC
;
_entity_poly.pdbx_strand_id   A,B,C,D
#